data_1WZU
#
_entry.id   1WZU
#
_cell.length_a   94.610
_cell.length_b   94.610
_cell.length_c   62.570
_cell.angle_alpha   90.00
_cell.angle_beta   90.00
_cell.angle_gamma   120.00
#
_symmetry.space_group_name_H-M   'P 63'
#
loop_
_entity.id
_entity.type
_entity.pdbx_description
1 polymer 'Quinolinate synthetase A'
2 non-polymer D-MALATE
3 water water
#
_entity_poly.entity_id   1
_entity_poly.type   'polypeptide(L)'
_entity_poly.pdbx_seq_one_letter_code
;MDLVEEILRLKEERNAIILAHNYQLPEVQDIADFIGDSLELARRATRVDADVIVFAGVDFMAETAKILNPDKVVLIPSRE
ATCAMANMLKVEHILEAKRKYPNAPVVLYVNSTAEAKAYADVTVTSANAVEVVKKLDSDVVIFGPDKNLAHYVAKMTGKK
IIPVPSKGHCYVHQKFTLDDVERAKKLHPNAKLMIHPECIPEVQEKADIIASTGGMIKRACEWDEWVVFTEREMVYRLRK
LYPQKKFYPAREDAFCIGMKAITLKNIYESLKDMKYKVEVPEEIARKARKAIERMLEMSK
;
_entity_poly.pdbx_strand_id   A
#
loop_
_chem_comp.id
_chem_comp.type
_chem_comp.name
_chem_comp.formula
MLT non-polymer D-MALATE 'C4 H6 O5'
#
# COMPACT_ATOMS: atom_id res chain seq x y z
N MET A 1 10.30 -11.73 -28.64
CA MET A 1 10.43 -10.26 -28.81
C MET A 1 11.12 -9.65 -27.60
N ASP A 2 11.49 -8.37 -27.71
CA ASP A 2 12.13 -7.68 -26.60
C ASP A 2 11.06 -6.88 -25.88
N LEU A 3 10.57 -7.41 -24.77
CA LEU A 3 9.53 -6.77 -23.98
C LEU A 3 9.86 -5.36 -23.50
N VAL A 4 11.08 -5.17 -23.01
CA VAL A 4 11.51 -3.87 -22.52
C VAL A 4 11.40 -2.80 -23.61
N GLU A 5 11.96 -3.10 -24.78
CA GLU A 5 11.91 -2.17 -25.89
C GLU A 5 10.49 -1.93 -26.39
N GLU A 6 9.66 -2.97 -26.35
CA GLU A 6 8.27 -2.83 -26.80
C GLU A 6 7.49 -1.96 -25.83
N ILE A 7 7.72 -2.17 -24.55
CA ILE A 7 7.04 -1.38 -23.54
C ILE A 7 7.47 0.08 -23.63
N LEU A 8 8.75 0.31 -23.90
CA LEU A 8 9.25 1.68 -24.01
C LEU A 8 8.59 2.40 -25.18
N ARG A 9 8.42 1.71 -26.30
CA ARG A 9 7.79 2.32 -27.46
C ARG A 9 6.32 2.62 -27.17
N LEU A 10 5.63 1.66 -26.55
CA LEU A 10 4.22 1.82 -26.23
C LEU A 10 3.96 2.91 -25.19
N LYS A 11 4.90 3.09 -24.26
CA LYS A 11 4.75 4.13 -23.24
C LYS A 11 4.65 5.48 -23.93
N GLU A 12 5.49 5.69 -24.94
CA GLU A 12 5.51 6.92 -25.71
C GLU A 12 4.25 7.02 -26.57
N GLU A 13 3.93 5.95 -27.28
CA GLU A 13 2.75 5.90 -28.14
C GLU A 13 1.46 6.19 -27.37
N ARG A 14 1.34 5.61 -26.18
CA ARG A 14 0.14 5.80 -25.35
C ARG A 14 0.25 6.99 -24.41
N ASN A 15 1.44 7.57 -24.33
CA ASN A 15 1.69 8.67 -23.39
C ASN A 15 1.32 8.15 -22.00
N ALA A 16 1.99 7.10 -21.58
CA ALA A 16 1.71 6.47 -20.30
C ALA A 16 2.88 6.52 -19.33
N ILE A 17 2.55 6.33 -18.06
CA ILE A 17 3.55 6.28 -17.00
C ILE A 17 3.24 4.97 -16.27
N ILE A 18 4.29 4.30 -15.80
CA ILE A 18 4.13 3.04 -15.10
C ILE A 18 4.49 3.23 -13.64
N LEU A 19 3.51 3.02 -12.76
CA LEU A 19 3.71 3.16 -11.32
C LEU A 19 3.68 1.75 -10.76
N ALA A 20 4.65 1.49 -9.90
CA ALA A 20 4.73 0.17 -9.25
C ALA A 20 4.72 0.23 -7.75
N HIS A 21 4.09 -0.80 -7.18
CA HIS A 21 4.11 -0.93 -5.70
C HIS A 21 5.39 -1.65 -5.31
N ASN A 22 5.78 -1.49 -4.05
CA ASN A 22 6.93 -2.21 -3.53
C ASN A 22 6.86 -3.72 -3.61
N TYR A 23 5.72 -4.33 -3.66
CA TYR A 23 5.65 -5.81 -3.68
C TYR A 23 5.73 -6.39 -5.07
N GLN A 24 5.81 -5.53 -6.09
CA GLN A 24 5.87 -6.01 -7.48
C GLN A 24 7.16 -6.77 -7.78
N LEU A 25 7.09 -7.66 -8.77
CA LEU A 25 8.26 -8.44 -9.18
C LEU A 25 9.40 -7.53 -9.65
N PRO A 26 10.65 -7.95 -9.43
CA PRO A 26 11.81 -7.15 -9.85
C PRO A 26 11.70 -6.70 -11.31
N GLU A 27 11.22 -7.59 -12.18
CA GLU A 27 11.10 -7.27 -13.59
C GLU A 27 10.11 -6.14 -13.82
N VAL A 28 9.07 -6.08 -12.99
CA VAL A 28 8.08 -5.02 -13.11
C VAL A 28 8.63 -3.72 -12.51
N GLN A 29 9.29 -3.83 -11.37
CA GLN A 29 9.84 -2.63 -10.75
C GLN A 29 10.89 -1.98 -11.64
N ASP A 30 11.65 -2.82 -12.35
CA ASP A 30 12.70 -2.31 -13.23
C ASP A 30 12.17 -1.50 -14.40
N ILE A 31 10.92 -1.75 -14.79
CA ILE A 31 10.35 -1.02 -15.92
C ILE A 31 9.50 0.19 -15.49
N ALA A 32 9.24 0.29 -14.19
CA ALA A 32 8.42 1.38 -13.64
C ALA A 32 9.08 2.75 -13.69
N ASP A 33 8.24 3.78 -13.76
CA ASP A 33 8.72 5.15 -13.75
C ASP A 33 8.80 5.62 -12.30
N PHE A 34 8.15 4.88 -11.41
CA PHE A 34 8.14 5.23 -9.99
C PHE A 34 7.70 4.01 -9.19
N ILE A 35 8.38 3.75 -8.07
CA ILE A 35 8.06 2.64 -7.20
C ILE A 35 7.90 3.17 -5.78
N GLY A 36 6.92 2.67 -5.05
CA GLY A 36 6.73 3.14 -3.67
C GLY A 36 5.59 2.43 -2.96
N ASP A 37 5.23 2.91 -1.78
CA ASP A 37 4.13 2.34 -1.03
C ASP A 37 2.83 3.06 -1.43
N SER A 38 1.70 2.73 -0.82
CA SER A 38 0.44 3.36 -1.22
C SER A 38 0.38 4.87 -1.13
N LEU A 39 0.91 5.44 -0.06
CA LEU A 39 0.90 6.88 0.10
C LEU A 39 1.77 7.53 -0.98
N GLU A 40 2.98 7.01 -1.16
CA GLU A 40 3.90 7.54 -2.16
C GLU A 40 3.28 7.45 -3.56
N LEU A 41 2.57 6.35 -3.82
CA LEU A 41 1.93 6.17 -5.13
C LEU A 41 0.74 7.12 -5.34
N ALA A 42 -0.01 7.39 -4.27
CA ALA A 42 -1.16 8.29 -4.37
C ALA A 42 -0.64 9.69 -4.68
N ARG A 43 0.47 10.05 -4.06
CA ARG A 43 1.07 11.36 -4.28
C ARG A 43 1.59 11.51 -5.70
N ARG A 44 2.26 10.47 -6.20
CA ARG A 44 2.81 10.51 -7.55
C ARG A 44 1.70 10.56 -8.60
N ALA A 45 0.57 9.92 -8.30
CA ALA A 45 -0.56 9.87 -9.21
C ALA A 45 -1.39 11.15 -9.22
N THR A 46 -1.24 11.98 -8.19
CA THR A 46 -1.99 13.23 -8.12
C THR A 46 -1.63 14.11 -9.32
N ARG A 47 -2.64 14.69 -9.97
CA ARG A 47 -2.42 15.56 -11.12
C ARG A 47 -1.39 14.90 -12.05
N VAL A 48 -1.56 13.61 -12.27
CA VAL A 48 -0.63 12.83 -13.10
C VAL A 48 -0.20 13.50 -14.40
N ASP A 49 1.08 13.31 -14.72
CA ASP A 49 1.69 13.86 -15.92
C ASP A 49 1.72 12.85 -17.07
N ALA A 50 0.57 12.29 -17.40
CA ALA A 50 0.46 11.34 -18.51
C ALA A 50 -1.02 11.17 -18.83
N ASP A 51 -1.32 10.60 -20.00
CA ASP A 51 -2.72 10.38 -20.38
C ASP A 51 -3.17 9.04 -19.82
N VAL A 52 -2.21 8.16 -19.62
CA VAL A 52 -2.49 6.82 -19.13
C VAL A 52 -1.57 6.38 -18.00
N ILE A 53 -2.17 5.75 -16.99
CA ILE A 53 -1.41 5.24 -15.86
C ILE A 53 -1.51 3.72 -15.86
N VAL A 54 -0.37 3.03 -15.98
CA VAL A 54 -0.39 1.57 -15.89
C VAL A 54 -0.03 1.37 -14.42
N PHE A 55 -0.99 0.88 -13.64
CA PHE A 55 -0.79 0.71 -12.20
C PHE A 55 -0.49 -0.73 -11.79
N ALA A 56 0.79 -1.00 -11.56
CA ALA A 56 1.23 -2.33 -11.15
C ALA A 56 1.12 -2.40 -9.64
N GLY A 57 -0.05 -2.81 -9.17
CA GLY A 57 -0.33 -2.91 -7.75
C GLY A 57 -1.68 -3.57 -7.56
N VAL A 58 -2.21 -3.54 -6.35
CA VAL A 58 -3.51 -4.14 -6.07
C VAL A 58 -4.65 -3.28 -6.62
N ASP A 59 -5.76 -3.93 -6.94
CA ASP A 59 -6.93 -3.28 -7.50
C ASP A 59 -7.42 -2.04 -6.77
N PHE A 60 -7.48 -2.10 -5.44
CA PHE A 60 -7.97 -0.94 -4.70
C PHE A 60 -7.08 0.30 -4.80
N MET A 61 -5.78 0.11 -5.05
CA MET A 61 -4.91 1.28 -5.19
C MET A 61 -4.96 1.82 -6.60
N ALA A 62 -5.23 0.95 -7.57
CA ALA A 62 -5.34 1.43 -8.94
C ALA A 62 -6.61 2.29 -8.98
N GLU A 63 -7.62 1.90 -8.19
CA GLU A 63 -8.87 2.65 -8.11
C GLU A 63 -8.60 4.02 -7.52
N THR A 64 -7.74 4.06 -6.51
CA THR A 64 -7.37 5.31 -5.86
C THR A 64 -6.77 6.26 -6.90
N ALA A 65 -5.90 5.73 -7.75
CA ALA A 65 -5.28 6.54 -8.79
C ALA A 65 -6.34 7.03 -9.78
N LYS A 66 -7.34 6.18 -10.05
CA LYS A 66 -8.42 6.55 -10.97
C LYS A 66 -9.30 7.63 -10.36
N ILE A 67 -9.64 7.45 -9.09
CA ILE A 67 -10.47 8.42 -8.38
C ILE A 67 -9.78 9.79 -8.43
N LEU A 68 -8.45 9.79 -8.30
CA LEU A 68 -7.67 11.04 -8.33
C LEU A 68 -7.51 11.64 -9.74
N ASN A 69 -7.70 10.82 -10.77
CA ASN A 69 -7.59 11.30 -12.14
C ASN A 69 -8.77 10.80 -12.96
N PRO A 70 -9.98 11.32 -12.67
CA PRO A 70 -11.17 10.90 -13.40
C PRO A 70 -11.12 11.05 -14.92
N ASP A 71 -10.36 12.02 -15.41
CA ASP A 71 -10.27 12.23 -16.86
C ASP A 71 -9.08 11.54 -17.51
N LYS A 72 -8.44 10.63 -16.78
CA LYS A 72 -7.30 9.89 -17.30
C LYS A 72 -7.61 8.40 -17.36
N VAL A 73 -6.90 7.68 -18.23
CA VAL A 73 -7.09 6.25 -18.34
C VAL A 73 -6.17 5.53 -17.35
N VAL A 74 -6.75 4.69 -16.49
CA VAL A 74 -5.96 3.93 -15.53
C VAL A 74 -6.10 2.45 -15.85
N LEU A 75 -4.98 1.80 -16.10
CA LEU A 75 -4.94 0.39 -16.43
C LEU A 75 -4.29 -0.47 -15.35
N ILE A 76 -4.92 -1.60 -15.03
CA ILE A 76 -4.35 -2.54 -14.07
C ILE A 76 -3.98 -3.72 -14.95
N PRO A 77 -2.70 -4.14 -14.92
CA PRO A 77 -2.22 -5.26 -15.73
C PRO A 77 -2.93 -6.59 -15.53
N SER A 78 -3.48 -6.81 -14.35
CA SER A 78 -4.18 -8.07 -14.08
C SER A 78 -5.44 -7.88 -13.25
N VAL A 91 -20.24 -2.82 3.63
CA VAL A 91 -20.82 -1.50 3.47
C VAL A 91 -21.88 -1.23 4.53
N GLU A 92 -22.75 -2.21 4.73
CA GLU A 92 -23.82 -2.09 5.73
C GLU A 92 -23.20 -2.00 7.13
N HIS A 93 -22.11 -2.72 7.33
CA HIS A 93 -21.42 -2.72 8.61
C HIS A 93 -20.86 -1.35 8.97
N ILE A 94 -20.58 -0.54 7.96
CA ILE A 94 -20.07 0.80 8.20
C ILE A 94 -21.19 1.72 8.69
N LEU A 95 -22.32 1.69 7.99
CA LEU A 95 -23.46 2.52 8.36
C LEU A 95 -23.94 2.14 9.76
N GLU A 96 -23.96 0.86 10.07
CA GLU A 96 -24.39 0.40 11.38
C GLU A 96 -23.47 0.92 12.47
N ALA A 97 -22.16 0.86 12.21
CA ALA A 97 -21.19 1.35 13.17
C ALA A 97 -21.36 2.86 13.35
N LYS A 98 -21.76 3.52 12.26
CA LYS A 98 -21.98 4.96 12.28
C LYS A 98 -23.22 5.34 13.08
N ARG A 99 -24.25 4.50 13.00
CA ARG A 99 -25.48 4.74 13.74
C ARG A 99 -25.26 4.56 15.24
N LYS A 100 -24.34 3.67 15.59
CA LYS A 100 -24.05 3.41 17.00
C LYS A 100 -23.08 4.47 17.52
N TYR A 101 -22.37 5.11 16.59
CA TYR A 101 -21.41 6.16 16.92
C TYR A 101 -21.58 7.30 15.91
N PRO A 102 -22.67 8.07 16.04
CA PRO A 102 -23.00 9.20 15.15
C PRO A 102 -21.93 10.29 15.03
N ASN A 103 -21.17 10.50 16.10
CA ASN A 103 -20.15 11.56 16.09
C ASN A 103 -18.74 11.09 15.73
N ALA A 104 -18.53 9.78 15.71
CA ALA A 104 -17.21 9.24 15.39
C ALA A 104 -16.88 9.33 13.91
N PRO A 105 -15.69 9.85 13.57
CA PRO A 105 -15.31 9.96 12.15
C PRO A 105 -14.98 8.56 11.61
N VAL A 106 -15.27 8.32 10.34
CA VAL A 106 -14.99 7.02 9.75
C VAL A 106 -13.67 7.05 8.99
N VAL A 107 -12.73 6.21 9.40
CA VAL A 107 -11.41 6.14 8.78
C VAL A 107 -11.25 4.81 8.06
N LEU A 108 -11.04 4.87 6.74
CA LEU A 108 -10.87 3.65 5.96
C LEU A 108 -9.48 3.49 5.37
N TYR A 109 -8.92 2.31 5.58
CA TYR A 109 -7.60 1.94 5.07
C TYR A 109 -7.77 1.91 3.55
N VAL A 110 -6.75 2.32 2.80
CA VAL A 110 -6.86 2.31 1.34
C VAL A 110 -7.13 0.91 0.81
N ASN A 111 -6.80 -0.11 1.61
CA ASN A 111 -7.05 -1.49 1.22
C ASN A 111 -8.55 -1.72 1.42
N SER A 112 -9.36 -1.11 0.54
CA SER A 112 -10.81 -1.24 0.62
C SER A 112 -11.42 -0.82 -0.72
N THR A 113 -12.69 -1.14 -0.93
CA THR A 113 -13.36 -0.78 -2.18
C THR A 113 -13.61 0.72 -2.31
N ALA A 114 -13.80 1.18 -3.55
CA ALA A 114 -14.09 2.58 -3.80
C ALA A 114 -15.44 2.90 -3.15
N GLU A 115 -16.35 1.94 -3.20
CA GLU A 115 -17.67 2.14 -2.61
C GLU A 115 -17.55 2.38 -1.11
N ALA A 116 -16.68 1.64 -0.45
CA ALA A 116 -16.49 1.79 0.99
C ALA A 116 -15.88 3.16 1.30
N LYS A 117 -14.95 3.60 0.46
CA LYS A 117 -14.31 4.89 0.65
C LYS A 117 -15.33 6.02 0.56
N ALA A 118 -16.42 5.79 -0.18
CA ALA A 118 -17.46 6.79 -0.32
C ALA A 118 -18.15 7.09 1.02
N TYR A 119 -18.03 6.16 1.95
CA TYR A 119 -18.64 6.30 3.28
C TYR A 119 -17.62 6.81 4.31
N ALA A 120 -16.39 7.02 3.87
CA ALA A 120 -15.35 7.48 4.78
C ALA A 120 -15.22 8.99 4.83
N ASP A 121 -14.75 9.50 5.98
CA ASP A 121 -14.50 10.92 6.14
C ASP A 121 -13.10 11.17 5.61
N VAL A 122 -12.23 10.17 5.80
CA VAL A 122 -10.84 10.26 5.34
C VAL A 122 -10.23 8.86 5.24
N THR A 123 -9.28 8.69 4.32
CA THR A 123 -8.62 7.39 4.17
C THR A 123 -7.22 7.43 4.77
N VAL A 124 -6.63 6.26 4.96
CA VAL A 124 -5.26 6.17 5.49
C VAL A 124 -4.53 4.99 4.85
N THR A 125 -3.20 5.07 4.89
CA THR A 125 -2.34 4.01 4.39
C THR A 125 -1.57 3.58 5.64
N SER A 126 -0.72 2.57 5.52
CA SER A 126 0.06 2.10 6.66
C SER A 126 1.04 3.13 7.18
N ALA A 127 1.54 3.97 6.28
CA ALA A 127 2.52 5.00 6.65
C ALA A 127 1.95 6.20 7.40
N ASN A 128 0.70 6.57 7.13
CA ASN A 128 0.10 7.73 7.78
C ASN A 128 -1.10 7.48 8.71
N ALA A 129 -1.45 6.21 8.92
CA ALA A 129 -2.60 5.91 9.76
C ALA A 129 -2.51 6.60 11.14
N VAL A 130 -1.35 6.52 11.77
CA VAL A 130 -1.18 7.13 13.09
C VAL A 130 -1.31 8.66 13.04
N GLU A 131 -0.55 9.30 12.14
CA GLU A 131 -0.55 10.75 11.98
C GLU A 131 -1.95 11.32 11.76
N VAL A 132 -2.67 10.74 10.82
CA VAL A 132 -4.01 11.17 10.47
C VAL A 132 -5.01 11.00 11.61
N VAL A 133 -4.97 9.84 12.28
CA VAL A 133 -5.89 9.58 13.38
C VAL A 133 -5.61 10.50 14.57
N LYS A 134 -4.34 10.82 14.80
CA LYS A 134 -3.99 11.71 15.91
C LYS A 134 -4.51 13.12 15.67
N LYS A 135 -4.71 13.48 14.40
CA LYS A 135 -5.21 14.80 14.04
C LYS A 135 -6.73 14.89 14.07
N LEU A 136 -7.40 13.76 14.33
CA LEU A 136 -8.85 13.77 14.40
C LEU A 136 -9.28 14.13 15.81
N ASP A 137 -10.19 15.10 15.94
CA ASP A 137 -10.66 15.53 17.25
C ASP A 137 -11.22 14.40 18.10
N SER A 138 -12.24 13.74 17.57
CA SER A 138 -12.91 12.66 18.28
C SER A 138 -11.96 11.67 18.96
N ASP A 139 -12.33 11.25 20.16
CA ASP A 139 -11.52 10.30 20.92
C ASP A 139 -11.95 8.89 20.49
N VAL A 140 -13.04 8.83 19.74
CA VAL A 140 -13.56 7.57 19.24
C VAL A 140 -13.51 7.61 17.71
N VAL A 141 -12.93 6.60 17.10
CA VAL A 141 -12.81 6.55 15.65
C VAL A 141 -13.24 5.23 15.05
N ILE A 142 -14.07 5.26 14.01
CA ILE A 142 -14.48 4.05 13.33
C ILE A 142 -13.32 3.81 12.36
N PHE A 143 -12.72 2.63 12.42
CA PHE A 143 -11.55 2.33 11.59
C PHE A 143 -11.64 0.91 11.02
N GLY A 144 -11.38 0.78 9.72
CA GLY A 144 -11.42 -0.53 9.08
C GLY A 144 -10.79 -0.49 7.70
N PRO A 145 -10.69 -1.65 7.02
CA PRO A 145 -11.15 -2.94 7.51
C PRO A 145 -10.07 -3.86 8.09
N ASP A 146 -8.83 -3.40 8.17
CA ASP A 146 -7.77 -4.24 8.71
C ASP A 146 -7.71 -4.14 10.23
N LYS A 147 -8.05 -5.24 10.89
CA LYS A 147 -8.07 -5.32 12.34
C LYS A 147 -6.70 -5.10 12.99
N ASN A 148 -5.64 -5.62 12.37
CA ASN A 148 -4.30 -5.49 12.91
C ASN A 148 -3.77 -4.06 12.85
N LEU A 149 -4.08 -3.34 11.78
CA LEU A 149 -3.64 -1.97 11.65
C LEU A 149 -4.41 -1.13 12.66
N ALA A 150 -5.65 -1.53 12.91
CA ALA A 150 -6.52 -0.86 13.86
C ALA A 150 -5.92 -0.95 15.26
N HIS A 151 -5.36 -2.11 15.59
CA HIS A 151 -4.74 -2.32 16.88
C HIS A 151 -3.50 -1.43 17.03
N TYR A 152 -2.71 -1.36 15.96
CA TYR A 152 -1.50 -0.55 15.95
C TYR A 152 -1.84 0.92 16.18
N VAL A 153 -2.88 1.39 15.49
CA VAL A 153 -3.31 2.78 15.61
C VAL A 153 -3.81 3.07 17.02
N ALA A 154 -4.63 2.16 17.55
CA ALA A 154 -5.17 2.30 18.89
C ALA A 154 -4.04 2.41 19.91
N LYS A 155 -3.03 1.57 19.76
CA LYS A 155 -1.90 1.57 20.66
C LYS A 155 -1.06 2.84 20.56
N MET A 156 -0.88 3.33 19.35
CA MET A 156 -0.06 4.53 19.14
C MET A 156 -0.77 5.87 19.39
N THR A 157 -2.10 5.89 19.26
CA THR A 157 -2.85 7.14 19.45
C THR A 157 -3.57 7.27 20.78
N GLY A 158 -3.91 6.13 21.38
CA GLY A 158 -4.61 6.17 22.66
C GLY A 158 -6.08 6.52 22.54
N LYS A 159 -6.66 6.18 21.43
CA LYS A 159 -8.07 6.51 21.18
C LYS A 159 -8.90 5.25 21.24
N LYS A 160 -10.22 5.39 21.17
CA LYS A 160 -11.10 4.21 21.23
C LYS A 160 -11.04 3.47 19.91
N ILE A 161 -11.11 2.17 19.96
CA ILE A 161 -10.92 1.20 18.90
C ILE A 161 -12.31 0.78 18.38
N ILE A 162 -12.70 1.26 17.23
CA ILE A 162 -14.00 1.02 16.61
C ILE A 162 -13.91 0.36 15.22
N PRO A 163 -13.31 -0.92 15.48
CA PRO A 163 -13.11 -1.65 14.18
C PRO A 163 -14.35 -1.93 13.38
N VAL A 164 -14.20 -2.21 11.99
CA VAL A 164 -15.32 -2.51 11.11
C VAL A 164 -14.84 -3.34 9.91
N PHE A 176 2.25 -14.29 9.65
CA PHE A 176 3.45 -14.49 10.47
C PHE A 176 3.07 -14.70 11.94
N THR A 177 3.78 -15.61 12.61
CA THR A 177 3.51 -15.92 14.02
C THR A 177 4.76 -15.78 14.88
N LEU A 178 4.60 -16.02 16.18
CA LEU A 178 5.72 -15.94 17.11
C LEU A 178 6.77 -16.99 16.78
N ASP A 179 6.36 -18.06 16.12
CA ASP A 179 7.28 -19.12 15.76
C ASP A 179 8.19 -18.61 14.64
N ASP A 180 7.66 -17.75 13.79
CA ASP A 180 8.44 -17.18 12.71
C ASP A 180 9.47 -16.21 13.30
N VAL A 181 9.04 -15.45 14.30
CA VAL A 181 9.92 -14.50 14.96
C VAL A 181 11.09 -15.21 15.63
N GLU A 182 10.80 -16.32 16.29
CA GLU A 182 11.83 -17.08 16.98
C GLU A 182 12.80 -17.76 16.03
N ARG A 183 12.27 -18.44 15.00
CA ARG A 183 13.14 -19.11 14.04
C ARG A 183 14.05 -18.08 13.39
N ALA A 184 13.51 -16.89 13.16
CA ALA A 184 14.26 -15.80 12.55
C ALA A 184 15.39 -15.33 13.45
N LYS A 185 15.09 -15.19 14.74
CA LYS A 185 16.10 -14.75 15.69
C LYS A 185 17.17 -15.81 15.87
N LYS A 186 16.77 -17.07 15.79
CA LYS A 186 17.71 -18.18 15.92
C LYS A 186 18.75 -18.17 14.80
N LEU A 187 18.29 -17.97 13.57
CA LEU A 187 19.17 -17.97 12.41
C LEU A 187 20.00 -16.70 12.23
N HIS A 188 19.41 -15.56 12.56
CA HIS A 188 20.10 -14.28 12.39
C HIS A 188 20.06 -13.46 13.66
N PRO A 189 20.75 -13.93 14.72
CA PRO A 189 20.81 -13.28 16.03
C PRO A 189 21.09 -11.78 16.05
N ASN A 190 21.91 -11.28 15.13
CA ASN A 190 22.21 -9.86 15.14
C ASN A 190 21.36 -9.01 14.20
N ALA A 191 20.43 -9.64 13.51
CA ALA A 191 19.56 -8.92 12.60
C ALA A 191 18.37 -8.32 13.35
N LYS A 192 17.95 -7.13 12.96
CA LYS A 192 16.80 -6.50 13.59
C LYS A 192 15.57 -6.86 12.75
N LEU A 193 14.39 -6.60 13.29
CA LEU A 193 13.17 -6.97 12.59
C LEU A 193 12.33 -5.80 12.07
N MET A 194 11.97 -5.86 10.79
CA MET A 194 11.11 -4.85 10.18
C MET A 194 9.78 -5.56 10.09
N ILE A 195 8.78 -5.04 10.79
CA ILE A 195 7.49 -5.69 10.79
C ILE A 195 6.42 -4.73 10.28
N HIS A 196 5.54 -5.24 9.44
CA HIS A 196 4.48 -4.43 8.86
C HIS A 196 3.33 -4.33 9.86
N PRO A 197 2.68 -3.16 9.95
CA PRO A 197 1.56 -2.98 10.90
C PRO A 197 0.36 -3.90 10.64
N GLU A 198 0.40 -4.61 9.51
CA GLU A 198 -0.65 -5.54 9.17
C GLU A 198 -0.45 -6.89 9.88
N CYS A 199 0.69 -7.06 10.54
CA CYS A 199 0.97 -8.31 11.24
C CYS A 199 0.20 -8.30 12.57
N ILE A 200 -0.18 -9.47 13.07
CA ILE A 200 -0.92 -9.54 14.32
C ILE A 200 -0.14 -8.88 15.45
N PRO A 201 -0.85 -8.37 16.48
CA PRO A 201 -0.27 -7.69 17.64
C PRO A 201 0.94 -8.36 18.30
N GLU A 202 0.87 -9.66 18.54
CA GLU A 202 1.98 -10.38 19.18
C GLU A 202 3.30 -10.13 18.45
N VAL A 203 3.26 -10.28 17.13
CA VAL A 203 4.44 -10.08 16.30
C VAL A 203 4.86 -8.61 16.30
N GLN A 204 3.87 -7.72 16.19
CA GLN A 204 4.17 -6.29 16.19
C GLN A 204 5.01 -5.93 17.42
N GLU A 205 4.68 -6.54 18.55
CA GLU A 205 5.38 -6.29 19.80
C GLU A 205 6.88 -6.62 19.73
N LYS A 206 7.21 -7.66 18.96
CA LYS A 206 8.60 -8.09 18.82
C LYS A 206 9.40 -7.30 17.78
N ALA A 207 8.75 -6.34 17.13
CA ALA A 207 9.40 -5.55 16.09
C ALA A 207 10.44 -4.55 16.56
N ASP A 208 11.45 -4.33 15.74
CA ASP A 208 12.48 -3.34 16.04
C ASP A 208 11.92 -2.05 15.44
N ILE A 209 11.24 -2.19 14.31
CA ILE A 209 10.57 -1.08 13.65
C ILE A 209 9.28 -1.58 13.02
N ILE A 210 8.23 -0.80 13.15
CA ILE A 210 6.94 -1.11 12.56
C ILE A 210 6.72 -0.02 11.53
N ALA A 211 6.51 -0.41 10.27
CA ALA A 211 6.35 0.57 9.22
C ALA A 211 5.79 0.01 7.92
N SER A 212 5.34 0.90 7.05
CA SER A 212 4.84 0.49 5.76
C SER A 212 6.13 0.17 4.99
N THR A 213 6.00 -0.37 3.78
CA THR A 213 7.20 -0.67 3.00
C THR A 213 7.98 0.62 2.75
N GLY A 214 7.26 1.74 2.62
CA GLY A 214 7.93 3.01 2.40
C GLY A 214 8.76 3.36 3.63
N GLY A 215 8.23 3.06 4.81
CA GLY A 215 8.95 3.35 6.04
C GLY A 215 10.16 2.44 6.23
N MET A 216 10.01 1.19 5.81
CA MET A 216 11.09 0.21 5.91
C MET A 216 12.28 0.68 5.07
N ILE A 217 11.98 1.18 3.88
CA ILE A 217 13.03 1.67 3.00
C ILE A 217 13.74 2.87 3.62
N LYS A 218 12.98 3.79 4.19
CA LYS A 218 13.54 4.98 4.83
C LYS A 218 14.42 4.68 6.05
N ARG A 219 13.99 3.71 6.87
CA ARG A 219 14.74 3.38 8.07
C ARG A 219 15.76 2.24 7.97
N ALA A 220 15.87 1.61 6.81
CA ALA A 220 16.80 0.51 6.63
C ALA A 220 18.23 0.90 7.00
N CYS A 221 18.53 2.19 6.88
CA CYS A 221 19.88 2.71 7.18
C CYS A 221 20.26 2.57 8.66
N GLU A 222 19.30 2.17 9.48
CA GLU A 222 19.53 2.04 10.93
C GLU A 222 20.17 0.74 11.39
N TRP A 223 20.52 -0.13 10.45
CA TRP A 223 21.16 -1.39 10.80
C TRP A 223 21.69 -2.01 9.51
N ASP A 224 22.60 -2.97 9.63
CA ASP A 224 23.18 -3.60 8.44
C ASP A 224 22.51 -4.92 8.06
N GLU A 225 21.78 -5.50 8.99
CA GLU A 225 21.09 -6.77 8.75
C GLU A 225 19.64 -6.67 9.21
N TRP A 226 18.71 -7.12 8.37
CA TRP A 226 17.30 -7.05 8.72
C TRP A 226 16.51 -8.29 8.29
N VAL A 227 15.57 -8.71 9.15
CA VAL A 227 14.68 -9.80 8.84
C VAL A 227 13.41 -9.05 8.44
N VAL A 228 12.89 -9.32 7.25
CA VAL A 228 11.73 -8.61 6.72
C VAL A 228 10.41 -9.34 6.86
N PHE A 229 9.53 -8.80 7.71
CA PHE A 229 8.22 -9.41 7.90
C PHE A 229 7.15 -8.77 7.03
N THR A 230 7.17 -9.14 5.75
CA THR A 230 6.21 -8.65 4.78
C THR A 230 6.40 -9.52 3.54
N GLU A 231 5.74 -9.17 2.45
CA GLU A 231 5.87 -9.96 1.22
C GLU A 231 7.34 -10.11 0.81
N ARG A 232 7.68 -11.31 0.33
CA ARG A 232 9.03 -11.65 -0.09
C ARG A 232 9.63 -10.73 -1.15
N GLU A 233 8.79 -10.22 -2.05
CA GLU A 233 9.27 -9.31 -3.10
C GLU A 233 9.94 -8.06 -2.53
N MET A 234 9.57 -7.71 -1.30
CA MET A 234 10.13 -6.53 -0.65
C MET A 234 11.62 -6.72 -0.37
N VAL A 235 12.03 -7.97 -0.18
CA VAL A 235 13.44 -8.27 0.08
C VAL A 235 14.28 -7.84 -1.13
N TYR A 236 13.77 -8.12 -2.33
CA TYR A 236 14.48 -7.76 -3.55
C TYR A 236 14.54 -6.25 -3.74
N ARG A 237 13.49 -5.56 -3.31
CA ARG A 237 13.44 -4.10 -3.42
C ARG A 237 14.51 -3.48 -2.50
N LEU A 238 14.56 -3.97 -1.27
CA LEU A 238 15.54 -3.48 -0.27
C LEU A 238 16.97 -3.81 -0.70
N ARG A 239 17.22 -5.01 -1.21
CA ARG A 239 18.58 -5.34 -1.66
C ARG A 239 19.01 -4.43 -2.77
N LYS A 240 18.07 -4.08 -3.64
CA LYS A 240 18.35 -3.21 -4.76
C LYS A 240 18.80 -1.83 -4.25
N LEU A 241 18.07 -1.29 -3.29
CA LEU A 241 18.36 0.02 -2.73
C LEU A 241 19.57 0.05 -1.80
N TYR A 242 19.86 -1.08 -1.16
CA TYR A 242 20.99 -1.17 -0.23
C TYR A 242 21.75 -2.47 -0.52
N PRO A 243 22.56 -2.48 -1.60
CA PRO A 243 23.34 -3.65 -2.00
C PRO A 243 24.29 -4.22 -0.95
N GLN A 244 24.76 -3.38 -0.03
CA GLN A 244 25.69 -3.81 1.02
C GLN A 244 25.07 -4.51 2.22
N LYS A 245 23.79 -4.25 2.47
CA LYS A 245 23.10 -4.83 3.62
C LYS A 245 22.57 -6.24 3.38
N LYS A 246 22.18 -6.90 4.47
CA LYS A 246 21.63 -8.24 4.40
C LYS A 246 20.14 -8.19 4.72
N PHE A 247 19.32 -8.74 3.83
CA PHE A 247 17.88 -8.74 4.06
C PHE A 247 17.37 -10.17 4.00
N TYR A 248 16.99 -10.69 5.16
CA TYR A 248 16.48 -12.05 5.25
C TYR A 248 14.95 -12.04 5.30
N PRO A 249 14.30 -12.89 4.48
CA PRO A 249 12.84 -12.96 4.47
C PRO A 249 12.39 -13.66 5.76
N ALA A 250 11.22 -13.31 6.26
CA ALA A 250 10.68 -13.89 7.49
C ALA A 250 10.59 -15.42 7.42
N ARG A 251 10.16 -15.94 6.27
CA ARG A 251 10.05 -17.40 6.10
C ARG A 251 10.87 -17.82 4.89
N GLU A 252 12.18 -17.90 5.09
CA GLU A 252 13.14 -18.25 4.04
C GLU A 252 12.77 -19.52 3.26
N ASP A 253 12.50 -20.60 3.98
CA ASP A 253 12.17 -21.89 3.35
C ASP A 253 10.83 -21.93 2.63
N ALA A 254 10.03 -20.88 2.78
CA ALA A 254 8.72 -20.83 2.14
C ALA A 254 8.83 -20.51 0.65
N PHE A 255 8.15 -21.31 -0.17
CA PHE A 255 8.16 -21.09 -1.61
C PHE A 255 6.94 -20.27 -2.01
N CYS A 256 7.12 -19.37 -2.96
CA CYS A 256 6.05 -18.51 -3.44
C CYS A 256 5.21 -19.22 -4.49
N ALA A 261 0.69 -13.20 -10.09
CA ALA A 261 1.61 -12.07 -10.01
C ALA A 261 1.74 -11.34 -11.35
N ILE A 262 1.72 -10.02 -11.29
CA ILE A 262 1.86 -9.21 -12.50
C ILE A 262 3.26 -9.42 -13.07
N THR A 263 3.35 -9.70 -14.36
CA THR A 263 4.62 -9.94 -15.05
C THR A 263 4.96 -8.85 -16.06
N LEU A 264 6.20 -8.87 -16.55
CA LEU A 264 6.63 -7.91 -17.56
C LEU A 264 5.77 -8.10 -18.80
N LYS A 265 5.37 -9.35 -19.07
CA LYS A 265 4.52 -9.61 -20.22
C LYS A 265 3.13 -8.97 -20.02
N ASN A 266 2.64 -8.97 -18.79
CA ASN A 266 1.34 -8.36 -18.50
C ASN A 266 1.42 -6.85 -18.74
N ILE A 267 2.56 -6.26 -18.42
CA ILE A 267 2.76 -4.83 -18.59
C ILE A 267 2.68 -4.49 -20.08
N TYR A 268 3.35 -5.32 -20.88
CA TYR A 268 3.35 -5.16 -22.33
C TYR A 268 1.93 -5.29 -22.89
N GLU A 269 1.24 -6.35 -22.50
CA GLU A 269 -0.11 -6.61 -22.97
C GLU A 269 -1.07 -5.52 -22.51
N SER A 270 -0.82 -4.98 -21.32
CA SER A 270 -1.67 -3.92 -20.79
C SER A 270 -1.60 -2.70 -21.73
N LEU A 271 -0.39 -2.34 -22.13
CA LEU A 271 -0.17 -1.20 -23.02
C LEU A 271 -0.58 -1.52 -24.46
N LYS A 272 -0.33 -2.76 -24.89
CA LYS A 272 -0.68 -3.16 -26.25
C LYS A 272 -2.20 -3.18 -26.47
N ASP A 273 -2.94 -3.72 -25.51
CA ASP A 273 -4.40 -3.79 -25.65
C ASP A 273 -5.18 -2.78 -24.83
N MET A 274 -4.48 -1.91 -24.11
CA MET A 274 -5.14 -0.91 -23.27
C MET A 274 -6.18 -1.63 -22.42
N LYS A 275 -5.77 -2.71 -21.74
CA LYS A 275 -6.76 -3.47 -20.98
C LYS A 275 -6.76 -3.47 -19.47
N TYR A 276 -7.97 -3.75 -18.98
CA TYR A 276 -8.30 -3.79 -17.59
C TYR A 276 -8.32 -2.35 -17.15
N LYS A 277 -9.13 -1.59 -17.89
CA LYS A 277 -9.35 -0.19 -17.61
C LYS A 277 -10.02 -0.17 -16.26
N VAL A 278 -9.65 0.78 -15.42
CA VAL A 278 -10.22 0.92 -14.10
C VAL A 278 -11.21 2.07 -14.12
N GLU A 279 -12.44 1.80 -13.72
CA GLU A 279 -13.49 2.80 -13.72
C GLU A 279 -14.19 2.85 -12.36
N VAL A 280 -14.64 4.03 -11.98
CA VAL A 280 -15.38 4.20 -10.74
C VAL A 280 -16.57 5.13 -11.02
N PRO A 281 -17.79 4.68 -10.68
CA PRO A 281 -18.98 5.49 -10.92
C PRO A 281 -18.79 6.89 -10.31
N GLU A 282 -19.20 7.92 -11.05
CA GLU A 282 -19.05 9.31 -10.59
C GLU A 282 -19.49 9.61 -9.16
N GLU A 283 -20.70 9.19 -8.80
CA GLU A 283 -21.22 9.43 -7.45
C GLU A 283 -20.24 8.90 -6.40
N ILE A 284 -19.92 7.62 -6.51
CA ILE A 284 -19.01 6.96 -5.59
C ILE A 284 -17.65 7.65 -5.61
N ALA A 285 -17.11 7.84 -6.82
CA ALA A 285 -15.80 8.47 -7.00
C ALA A 285 -15.70 9.85 -6.35
N ARG A 286 -16.73 10.67 -6.52
CA ARG A 286 -16.74 12.01 -5.96
C ARG A 286 -16.57 12.00 -4.44
N LYS A 287 -17.27 11.10 -3.77
CA LYS A 287 -17.19 11.02 -2.31
C LYS A 287 -15.87 10.42 -1.84
N ALA A 288 -15.43 9.34 -2.48
CA ALA A 288 -14.16 8.72 -2.11
C ALA A 288 -13.02 9.71 -2.34
N ARG A 289 -13.13 10.50 -3.39
CA ARG A 289 -12.12 11.49 -3.73
C ARG A 289 -11.94 12.51 -2.61
N LYS A 290 -13.03 12.91 -1.98
CA LYS A 290 -12.95 13.87 -0.90
C LYS A 290 -12.16 13.27 0.28
N ALA A 291 -12.39 11.99 0.53
CA ALA A 291 -11.71 11.30 1.64
C ALA A 291 -10.21 11.12 1.37
N ILE A 292 -9.88 10.78 0.13
CA ILE A 292 -8.49 10.58 -0.25
C ILE A 292 -7.70 11.89 -0.31
N GLU A 293 -8.30 12.93 -0.91
CA GLU A 293 -7.60 14.20 -1.00
C GLU A 293 -7.42 14.81 0.39
N ARG A 294 -8.34 14.52 1.30
CA ARG A 294 -8.22 15.00 2.68
C ARG A 294 -7.05 14.28 3.35
N MET A 295 -6.92 12.99 3.05
CA MET A 295 -5.85 12.19 3.60
C MET A 295 -4.49 12.79 3.22
N LEU A 296 -4.36 13.15 1.95
CA LEU A 296 -3.12 13.72 1.45
C LEU A 296 -2.80 15.07 2.10
N GLU A 297 -3.83 15.86 2.38
CA GLU A 297 -3.62 17.16 3.00
C GLU A 297 -3.23 16.99 4.48
N MET A 298 -3.75 15.95 5.11
CA MET A 298 -3.45 15.69 6.52
C MET A 298 -2.11 14.98 6.68
C1 MLT B . 2.70 -1.02 2.14
O1 MLT B . 3.33 -0.90 3.28
O2 MLT B . 3.37 -0.68 1.08
C2 MLT B . 1.27 -1.50 2.00
O3 MLT B . 0.68 -1.83 3.23
C3 MLT B . 0.40 -0.43 1.35
C4 MLT B . 0.31 0.84 2.17
O4 MLT B . -0.60 1.03 3.08
O5 MLT B . 1.17 1.79 2.01
#